data_5G33
#
_entry.id   5G33
#
_cell.length_a   53.369
_cell.length_b   53.369
_cell.length_c   131.252
_cell.angle_alpha   90.00
_cell.angle_beta   90.00
_cell.angle_gamma   90.00
#
_symmetry.space_group_name_H-M   'P 41'
#
loop_
_entity.id
_entity.type
_entity.pdbx_description
1 polymer RAD14
2 polymer "5'-D(*GP*CP*TP*CP*TP*AP*MFOP*TP*CP*AP*TP*CP*AP*CP)-3'"
3 polymer "5'-D(*GP*TP*GP*AP*TP*GP*AP*CP*GP*TP*AP*GP*AP*GP)-3'"
4 non-polymer 'ZINC ION'
5 water water
#
loop_
_entity_poly.entity_id
_entity_poly.type
_entity_poly.pdbx_seq_one_letter_code
_entity_poly.pdbx_strand_id
1 'polypeptide(L)'
;MAPKCIECHINIEMDPVLHDVFKLQVCKQCSKEHPEKYALLTKTECKEDYFLTDPELNDEDLFHRLEKPNPHSGTFARMQ
LFVRCEVEAFAFKKWGGEEGLDEEWQRREEGKAHRREKKYGSAWSHPQFEK
;
A,B
2 'polydeoxyribonucleotide' (DG)(DC)(DT)(DC)(DT)(DA)(DC)(MFO)(DT)(DC)(DA)(DT)(DC)(DA)(DC) C,E
3 'polydeoxyribonucleotide' (DG)(DT)(DG)(DA)(DT)(DG)(DA)(DC)(DG)(DT)(DA)(DG)(DA)(DG) D,F
#
loop_
_chem_comp.id
_chem_comp.type
_chem_comp.name
_chem_comp.formula
DA DNA linking 2'-DEOXYADENOSINE-5'-MONOPHOSPHATE 'C10 H14 N5 O6 P'
DC DNA linking 2'-DEOXYCYTIDINE-5'-MONOPHOSPHATE 'C9 H14 N3 O7 P'
DG DNA linking 2'-DEOXYGUANOSINE-5'-MONOPHOSPHATE 'C10 H14 N5 O7 P'
DT DNA linking THYMIDINE-5'-MONOPHOSPHATE 'C10 H15 N2 O8 P'
MFO DNA linking '[(2~{R},3~{S},5~{R})-5-[2-azanyl-8-[ethanoyl(naphthalen-2-yl)amino]-6-oxidanylidene-3~{H}-purin-9-yl]-3-oxidanyl-oxolan-2-yl]methyl dihydrogen phosphate' 'C22 H23 N6 O8 P'
ZN non-polymer 'ZINC ION' 'Zn 2'
#
# COMPACT_ATOMS: atom_id res chain seq x y z
N ALA A 2 18.39 9.69 43.83
CA ALA A 2 17.69 8.93 42.75
C ALA A 2 17.11 9.87 41.66
N PRO A 3 16.88 9.34 40.44
CA PRO A 3 16.31 10.13 39.36
C PRO A 3 14.81 10.44 39.57
N LYS A 4 14.36 11.60 39.09
CA LYS A 4 13.09 12.18 39.50
C LYS A 4 12.18 12.50 38.34
N CYS A 5 10.90 12.26 38.50
CA CYS A 5 9.89 12.71 37.53
C CYS A 5 10.16 14.18 37.15
N ILE A 6 10.33 14.39 35.85
CA ILE A 6 10.68 15.70 35.26
C ILE A 6 9.56 16.73 35.22
N GLU A 7 8.37 16.37 35.70
CA GLU A 7 7.21 17.29 35.69
C GLU A 7 7.10 17.87 37.09
N CYS A 8 7.05 17.01 38.09
CA CYS A 8 6.83 17.38 39.44
C CYS A 8 8.11 17.48 40.32
N HIS A 9 9.21 16.87 39.87
CA HIS A 9 10.49 16.84 40.58
C HIS A 9 10.51 16.08 41.90
N ILE A 10 9.43 15.37 42.21
CA ILE A 10 9.24 14.62 43.46
C ILE A 10 9.34 13.11 43.35
N ASN A 11 8.54 12.52 42.44
CA ASN A 11 8.32 11.07 42.42
C ASN A 11 9.58 10.40 41.87
N ILE A 12 9.90 9.22 42.40
CA ILE A 12 10.99 8.41 41.84
C ILE A 12 10.47 7.16 41.08
N GLU A 13 9.16 6.92 41.05
CA GLU A 13 8.63 5.70 40.42
C GLU A 13 7.86 6.10 39.19
N MET A 14 8.51 5.84 38.05
CA MET A 14 8.01 6.26 36.76
C MET A 14 6.84 5.37 36.31
N ASP A 15 5.99 5.91 35.46
CA ASP A 15 4.87 5.19 34.87
C ASP A 15 5.54 4.12 33.98
N PRO A 16 5.30 2.82 34.25
CA PRO A 16 5.95 1.80 33.42
C PRO A 16 5.82 1.97 31.89
N VAL A 17 4.72 2.49 31.38
CA VAL A 17 4.54 2.58 29.92
C VAL A 17 5.27 3.78 29.30
N LEU A 18 4.97 4.97 29.80
CA LEU A 18 5.74 6.17 29.38
C LEU A 18 7.28 6.00 29.51
N HIS A 19 7.71 5.26 30.52
CA HIS A 19 9.13 5.02 30.72
C HIS A 19 9.66 3.97 29.78
N ASP A 20 9.26 2.72 29.96
CA ASP A 20 9.79 1.61 29.15
C ASP A 20 9.57 1.77 27.66
N VAL A 21 8.40 2.25 27.24
CA VAL A 21 8.02 2.26 25.83
C VAL A 21 8.36 3.57 25.12
N PHE A 22 8.05 4.70 25.75
CA PHE A 22 8.22 6.03 25.15
C PHE A 22 9.44 6.80 25.70
N LYS A 23 10.12 6.24 26.69
CA LYS A 23 11.44 6.72 27.12
C LYS A 23 11.41 8.10 27.83
N LEU A 24 10.32 8.35 28.54
CA LEU A 24 10.01 9.58 29.25
C LEU A 24 10.04 9.29 30.73
N GLN A 25 10.88 10.02 31.47
CA GLN A 25 10.98 9.97 32.96
C GLN A 25 9.83 10.78 33.54
N VAL A 26 8.63 10.22 33.44
CA VAL A 26 7.40 10.82 33.93
C VAL A 26 6.64 9.81 34.79
N CYS A 27 6.21 10.25 35.96
CA CYS A 27 5.50 9.38 36.85
C CYS A 27 4.02 9.36 36.39
N LYS A 28 3.23 8.50 37.03
CA LYS A 28 1.89 8.23 36.63
C LYS A 28 1.01 9.41 36.91
N GLN A 29 1.00 9.90 38.13
CA GLN A 29 0.19 11.10 38.49
C GLN A 29 0.34 12.31 37.57
N CYS A 30 1.55 12.59 37.14
CA CYS A 30 1.81 13.72 36.25
C CYS A 30 1.40 13.42 34.80
N SER A 31 1.33 12.14 34.43
CA SER A 31 0.81 11.75 33.11
C SER A 31 -0.68 12.11 33.02
N LYS A 32 -1.42 11.81 34.08
CA LYS A 32 -2.81 12.23 34.14
C LYS A 32 -2.98 13.73 34.19
N GLU A 33 -2.10 14.42 34.91
CA GLU A 33 -2.34 15.84 35.19
C GLU A 33 -1.92 16.69 33.99
N HIS A 34 -1.30 16.06 33.01
CA HIS A 34 -0.85 16.77 31.82
C HIS A 34 -1.13 15.87 30.59
N PRO A 35 -2.40 15.70 30.20
CA PRO A 35 -2.75 14.92 29.00
C PRO A 35 -2.42 15.66 27.70
N GLU A 36 -2.31 16.98 27.74
CA GLU A 36 -1.80 17.74 26.62
C GLU A 36 -0.43 17.28 26.18
N LYS A 37 0.32 16.63 27.09
CA LYS A 37 1.59 15.99 26.72
C LYS A 37 1.64 14.45 26.64
N TYR A 38 0.93 13.78 27.53
CA TYR A 38 1.26 12.38 27.85
C TYR A 38 0.16 11.34 27.49
N ALA A 39 -0.89 11.84 26.86
CA ALA A 39 -2.08 11.06 26.63
C ALA A 39 -1.73 10.16 25.44
N LEU A 40 -2.10 8.89 25.55
CA LEU A 40 -1.81 7.90 24.48
C LEU A 40 -2.98 7.89 23.52
N LEU A 41 -2.73 8.20 22.26
CA LEU A 41 -3.79 8.31 21.27
C LEU A 41 -3.72 7.14 20.31
N THR A 42 -4.85 6.67 19.80
CA THR A 42 -4.80 5.60 18.78
C THR A 42 -4.30 6.12 17.44
N LYS A 43 -3.85 5.19 16.64
CA LYS A 43 -3.54 5.48 15.26
C LYS A 43 -4.63 6.27 14.49
N THR A 44 -5.89 5.88 14.61
CA THR A 44 -6.97 6.66 13.97
C THR A 44 -7.13 8.04 14.60
N GLU A 45 -7.06 8.16 15.93
CA GLU A 45 -6.99 9.52 16.61
C GLU A 45 -5.87 10.38 16.01
N CYS A 46 -4.67 9.83 15.79
CA CYS A 46 -3.59 10.52 15.07
C CYS A 46 -3.84 10.94 13.63
N LYS A 47 -4.45 10.09 12.81
CA LYS A 47 -4.84 10.52 11.49
C LYS A 47 -5.80 11.69 11.55
N GLU A 48 -6.86 11.58 12.34
CA GLU A 48 -7.94 12.59 12.23
C GLU A 48 -7.68 13.92 12.91
N ASP A 49 -7.03 13.89 14.09
CA ASP A 49 -6.62 15.09 14.85
C ASP A 49 -5.40 15.83 14.28
N TYR A 50 -4.42 15.08 13.79
CA TYR A 50 -3.17 15.67 13.34
C TYR A 50 -2.87 15.55 11.83
N PHE A 51 -3.74 14.90 11.06
CA PHE A 51 -3.53 14.67 9.60
C PHE A 51 -2.18 14.06 9.31
N LEU A 52 -1.79 13.11 10.15
CA LEU A 52 -0.65 12.25 9.89
C LEU A 52 -1.13 11.10 8.99
N THR A 53 -0.27 10.69 8.07
CA THR A 53 -0.57 9.65 7.08
C THR A 53 0.02 8.33 7.49
N ASP A 54 -0.60 7.22 7.09
CA ASP A 54 -0.11 5.86 7.39
C ASP A 54 1.41 5.66 7.21
N PRO A 55 2.01 6.20 6.13
CA PRO A 55 3.46 6.04 5.99
C PRO A 55 4.31 6.66 7.10
N GLU A 56 3.85 7.73 7.73
CA GLU A 56 4.64 8.29 8.82
C GLU A 56 4.34 7.62 10.15
N LEU A 57 3.10 7.22 10.37
CA LEU A 57 2.73 6.45 11.57
C LEU A 57 3.29 5.03 11.60
N ASN A 58 3.49 4.43 10.43
CA ASN A 58 4.22 3.16 10.31
C ASN A 58 5.73 3.27 10.17
N ASP A 59 6.31 4.44 10.38
CA ASP A 59 7.75 4.53 10.48
C ASP A 59 8.18 4.12 11.92
N GLU A 60 8.97 3.05 11.97
CA GLU A 60 9.50 2.51 13.21
C GLU A 60 10.48 3.53 13.75
N ASP A 61 11.25 4.11 12.85
CA ASP A 61 12.27 5.09 13.20
C ASP A 61 11.77 6.52 13.46
N LEU A 62 10.47 6.72 13.64
CA LEU A 62 9.93 8.05 13.86
C LEU A 62 9.06 8.24 15.12
N PHE A 63 8.32 7.22 15.56
CA PHE A 63 7.53 7.31 16.77
C PHE A 63 7.69 6.07 17.56
N HIS A 64 7.76 6.20 18.88
CA HIS A 64 7.57 5.03 19.75
C HIS A 64 6.09 4.64 19.67
N ARG A 65 5.78 3.39 20.00
CA ARG A 65 4.39 2.94 20.03
C ARG A 65 4.21 1.86 21.06
N LEU A 66 3.01 1.81 21.59
CA LEU A 66 2.57 0.66 22.28
C LEU A 66 1.45 -0.02 21.46
N GLU A 67 1.55 -1.34 21.36
CA GLU A 67 0.61 -2.18 20.59
C GLU A 67 -0.21 -2.99 21.57
N LYS A 68 -1.52 -3.02 21.33
CA LYS A 68 -2.46 -3.66 22.23
C LYS A 68 -3.39 -4.49 21.36
N PRO A 69 -3.93 -5.61 21.88
CA PRO A 69 -4.98 -6.26 21.11
C PRO A 69 -6.12 -5.31 20.77
N ASN A 70 -6.77 -5.57 19.65
CA ASN A 70 -7.90 -4.73 19.21
C ASN A 70 -8.97 -4.96 20.27
N PRO A 71 -9.42 -3.90 20.97
CA PRO A 71 -10.53 -4.12 21.87
C PRO A 71 -11.80 -4.68 21.19
N HIS A 72 -12.05 -4.39 19.93
CA HIS A 72 -13.25 -4.96 19.28
C HIS A 72 -13.17 -6.46 19.06
N SER A 73 -11.97 -7.00 18.84
CA SER A 73 -11.73 -8.45 18.69
C SER A 73 -10.22 -8.75 18.58
N GLY A 74 -9.76 -9.77 19.26
CA GLY A 74 -8.37 -10.18 19.12
C GLY A 74 -7.95 -10.81 17.81
N THR A 75 -8.83 -10.83 16.80
CA THR A 75 -8.48 -11.29 15.44
C THR A 75 -8.42 -10.10 14.45
N PHE A 76 -8.59 -8.88 14.93
CA PHE A 76 -8.55 -7.67 14.10
C PHE A 76 -7.14 -7.14 14.32
N ALA A 77 -6.71 -6.21 13.47
CA ALA A 77 -5.37 -5.72 13.49
C ALA A 77 -5.09 -5.01 14.85
N ARG A 78 -3.87 -5.14 15.33
CA ARG A 78 -3.49 -4.66 16.62
C ARG A 78 -3.71 -3.15 16.83
N MET A 79 -4.20 -2.80 17.98
CA MET A 79 -4.31 -1.39 18.38
C MET A 79 -2.91 -0.83 18.59
N GLN A 80 -2.62 0.27 17.89
CA GLN A 80 -1.40 1.02 18.04
C GLN A 80 -1.66 2.38 18.77
N LEU A 81 -0.75 2.73 19.69
CA LEU A 81 -0.94 3.87 20.62
C LEU A 81 0.27 4.76 20.64
N PHE A 82 0.05 6.02 20.34
CA PHE A 82 1.11 7.02 20.30
C PHE A 82 0.98 8.02 21.44
N VAL A 83 2.11 8.46 21.96
CA VAL A 83 2.11 9.48 23.04
C VAL A 83 1.97 10.84 22.38
N ARG A 84 1.11 11.69 22.92
CA ARG A 84 0.67 12.85 22.23
C ARG A 84 1.83 13.82 21.95
N CYS A 85 2.77 14.00 22.86
CA CYS A 85 3.83 15.01 22.55
C CYS A 85 4.66 14.66 21.32
N GLU A 86 4.86 13.37 21.05
CA GLU A 86 5.59 12.96 19.85
C GLU A 86 4.82 13.26 18.55
N VAL A 87 3.58 12.82 18.49
CA VAL A 87 2.78 13.08 17.30
C VAL A 87 2.53 14.56 17.07
N GLU A 88 2.16 15.24 18.14
CA GLU A 88 2.08 16.72 18.14
C GLU A 88 3.36 17.39 17.61
N ALA A 89 4.52 16.98 18.14
CA ALA A 89 5.80 17.54 17.71
C ALA A 89 6.15 17.28 16.25
N PHE A 90 5.75 16.12 15.72
CA PHE A 90 5.88 15.89 14.29
C PHE A 90 4.86 16.73 13.53
N ALA A 91 3.61 16.68 13.99
CA ALA A 91 2.54 17.41 13.34
C ALA A 91 2.76 18.91 13.24
N PHE A 92 3.48 19.48 14.21
CA PHE A 92 3.84 20.90 14.20
C PHE A 92 4.96 21.26 13.24
N LYS A 93 5.98 20.40 13.09
CA LYS A 93 6.90 20.50 11.96
C LYS A 93 6.14 20.37 10.64
N LYS A 94 5.44 19.24 10.47
CA LYS A 94 4.74 18.92 9.20
C LYS A 94 3.93 20.09 8.63
N TRP A 95 3.01 20.60 9.44
CA TRP A 95 2.10 21.68 9.08
C TRP A 95 2.51 23.06 9.58
N GLY A 96 3.75 23.20 10.03
CA GLY A 96 4.21 24.47 10.56
C GLY A 96 3.53 25.08 11.78
N GLY A 97 3.44 24.34 12.87
CA GLY A 97 2.86 24.83 14.10
C GLY A 97 1.37 24.64 14.28
N GLU A 98 0.82 25.08 15.42
CA GLU A 98 -0.62 24.89 15.64
C GLU A 98 -1.43 25.81 14.73
N GLU A 99 -0.92 27.03 14.53
CA GLU A 99 -1.48 27.97 13.55
C GLU A 99 -1.68 27.27 12.21
N GLY A 100 -0.61 26.67 11.71
CA GLY A 100 -0.64 25.92 10.45
C GLY A 100 -1.51 24.67 10.45
N LEU A 101 -1.52 23.95 11.58
CA LEU A 101 -2.42 22.80 11.77
C LEU A 101 -3.88 23.19 11.63
N ASP A 102 -4.33 24.11 12.49
CA ASP A 102 -5.71 24.60 12.44
C ASP A 102 -6.15 25.04 11.03
N GLU A 103 -5.22 25.63 10.26
CA GLU A 103 -5.53 26.01 8.88
C GLU A 103 -5.83 24.80 7.96
N GLU A 104 -5.15 23.67 8.13
CA GLU A 104 -5.50 22.44 7.41
C GLU A 104 -6.85 21.85 7.88
N TRP A 105 -7.22 22.05 9.14
CA TRP A 105 -8.56 21.71 9.65
C TRP A 105 -9.59 22.55 8.91
N GLN A 106 -9.33 23.86 8.91
CA GLN A 106 -10.11 24.85 8.14
C GLN A 106 -10.29 24.44 6.66
N ARG A 107 -9.20 23.97 6.05
CA ARG A 107 -9.15 23.68 4.63
C ARG A 107 -10.00 22.49 4.20
N ARG A 108 -10.00 21.44 5.01
CA ARG A 108 -10.74 20.20 4.69
C ARG A 108 -12.26 20.26 4.96
N GLU A 109 -12.67 21.04 5.95
CA GLU A 109 -14.09 21.20 6.30
C GLU A 109 -14.85 21.95 5.19
N GLU A 110 -14.18 22.88 4.52
CA GLU A 110 -14.68 23.42 3.24
C GLU A 110 -14.89 22.32 2.21
N GLY A 111 -13.90 21.41 2.09
CA GLY A 111 -14.01 20.20 1.26
C GLY A 111 -15.29 19.39 1.43
N LYS A 112 -15.79 19.27 2.66
CA LYS A 112 -17.06 18.59 2.95
C LYS A 112 -18.30 19.42 2.53
N ALA A 113 -18.25 20.73 2.74
CA ALA A 113 -19.35 21.57 2.30
C ALA A 113 -19.38 21.42 0.79
N HIS A 114 -18.21 21.22 0.19
CA HIS A 114 -18.08 21.03 -1.24
C HIS A 114 -18.83 19.76 -1.66
N ARG A 115 -18.71 18.73 -0.84
CA ARG A 115 -19.36 17.45 -1.11
C ARG A 115 -20.57 17.25 -0.20
N ALA B 2 7.82 -37.81 -27.82
CA ALA B 2 7.79 -36.64 -28.75
C ALA B 2 6.56 -35.72 -28.50
N PRO B 3 6.58 -34.94 -27.39
CA PRO B 3 5.51 -33.98 -27.12
C PRO B 3 5.53 -32.80 -28.10
N LYS B 4 4.35 -32.35 -28.55
CA LYS B 4 4.28 -31.39 -29.62
C LYS B 4 3.65 -30.06 -29.19
N CYS B 5 3.98 -29.03 -29.95
CA CYS B 5 3.46 -27.72 -29.79
C CYS B 5 1.93 -27.70 -29.89
N ILE B 6 1.23 -27.18 -28.88
CA ILE B 6 -0.24 -27.15 -28.92
C ILE B 6 -0.81 -26.28 -30.02
N GLU B 7 -0.02 -25.41 -30.61
CA GLU B 7 -0.53 -24.50 -31.61
C GLU B 7 -0.34 -25.11 -32.98
N CYS B 8 0.87 -25.56 -33.32
CA CYS B 8 1.15 -26.08 -34.64
C CYS B 8 1.07 -27.62 -34.79
N HIS B 9 1.31 -28.33 -33.68
CA HIS B 9 1.27 -29.78 -33.61
C HIS B 9 2.44 -30.45 -34.32
N ILE B 10 3.57 -29.76 -34.36
CA ILE B 10 4.70 -30.15 -35.21
C ILE B 10 6.04 -30.07 -34.49
N ASN B 11 6.40 -28.91 -33.93
CA ASN B 11 7.70 -28.77 -33.24
C ASN B 11 7.77 -29.55 -31.94
N ILE B 12 8.99 -30.01 -31.63
CA ILE B 12 9.31 -30.66 -30.39
C ILE B 12 9.96 -29.62 -29.39
N GLU B 13 10.64 -28.57 -29.91
CA GLU B 13 11.39 -27.61 -29.10
C GLU B 13 10.53 -26.38 -28.80
N MET B 14 10.19 -26.25 -27.51
CA MET B 14 9.31 -25.18 -27.04
C MET B 14 10.13 -23.92 -26.75
N ASP B 15 9.46 -22.77 -26.77
CA ASP B 15 10.08 -21.50 -26.35
C ASP B 15 10.42 -21.69 -24.88
N PRO B 16 11.71 -21.59 -24.51
CA PRO B 16 12.06 -21.81 -23.09
C PRO B 16 11.34 -20.88 -22.10
N VAL B 17 10.97 -19.67 -22.48
CA VAL B 17 10.29 -18.78 -21.53
C VAL B 17 8.85 -19.15 -21.32
N LEU B 18 8.10 -19.32 -22.42
CA LEU B 18 6.70 -19.76 -22.31
C LEU B 18 6.60 -21.16 -21.72
N HIS B 19 7.64 -21.97 -21.82
CA HIS B 19 7.62 -23.26 -21.25
C HIS B 19 7.94 -23.27 -19.76
N ASP B 20 9.15 -22.86 -19.42
CA ASP B 20 9.61 -22.82 -18.03
C ASP B 20 8.77 -21.87 -17.17
N VAL B 21 8.36 -20.75 -17.74
CA VAL B 21 7.79 -19.74 -16.88
C VAL B 21 6.30 -19.75 -16.99
N PHE B 22 5.74 -19.68 -18.16
CA PHE B 22 4.27 -19.63 -18.26
C PHE B 22 3.60 -21.01 -18.37
N LYS B 23 4.39 -22.09 -18.39
CA LYS B 23 3.87 -23.47 -18.32
C LYS B 23 3.06 -23.86 -19.58
N LEU B 24 3.38 -23.20 -20.68
CA LEU B 24 2.70 -23.30 -21.95
C LEU B 24 3.59 -24.13 -22.86
N GLN B 25 2.99 -25.14 -23.51
CA GLN B 25 3.71 -26.04 -24.41
C GLN B 25 3.68 -25.52 -25.89
N VAL B 26 4.30 -24.37 -26.13
CA VAL B 26 4.31 -23.69 -27.43
C VAL B 26 5.69 -23.29 -27.90
N CYS B 27 5.87 -23.29 -29.23
CA CYS B 27 7.19 -23.11 -29.80
C CYS B 27 7.44 -21.63 -30.07
N LYS B 28 8.68 -21.25 -30.24
CA LYS B 28 8.97 -19.85 -30.45
C LYS B 28 8.21 -19.32 -31.62
N GLN B 29 8.15 -20.08 -32.70
CA GLN B 29 7.58 -19.58 -33.96
C GLN B 29 6.07 -19.30 -33.87
N CYS B 30 5.37 -20.07 -33.06
CA CYS B 30 3.96 -19.98 -32.87
C CYS B 30 3.58 -18.85 -31.91
N SER B 31 4.42 -18.57 -30.93
CA SER B 31 4.16 -17.48 -30.01
C SER B 31 4.18 -16.24 -30.86
N LYS B 32 5.13 -16.20 -31.78
CA LYS B 32 5.29 -15.07 -32.67
C LYS B 32 4.11 -14.86 -33.62
N GLU B 33 3.58 -15.95 -34.16
CA GLU B 33 2.47 -15.90 -35.08
C GLU B 33 1.12 -15.62 -34.44
N HIS B 34 1.05 -15.77 -33.13
CA HIS B 34 -0.17 -15.59 -32.38
C HIS B 34 0.13 -14.66 -31.19
N PRO B 35 0.38 -13.35 -31.44
CA PRO B 35 0.56 -12.41 -30.33
C PRO B 35 -0.68 -12.29 -29.44
N GLU B 36 -1.86 -12.48 -30.02
CA GLU B 36 -3.12 -12.39 -29.28
C GLU B 36 -3.22 -13.39 -28.11
N LYS B 37 -2.39 -14.44 -28.13
CA LYS B 37 -2.31 -15.42 -27.01
C LYS B 37 -1.02 -15.38 -26.19
N TYR B 38 0.08 -15.04 -26.85
CA TYR B 38 1.40 -15.29 -26.30
C TYR B 38 2.31 -14.05 -26.07
N ALA B 39 1.83 -12.84 -26.33
CA ALA B 39 2.64 -11.64 -26.19
C ALA B 39 2.91 -11.36 -24.69
N LEU B 40 4.16 -11.13 -24.30
CA LEU B 40 4.48 -10.74 -22.88
C LEU B 40 4.19 -9.26 -22.63
N LEU B 41 3.33 -8.95 -21.68
CA LEU B 41 2.98 -7.54 -21.43
C LEU B 41 3.58 -7.08 -20.14
N THR B 42 4.06 -5.84 -20.04
CA THR B 42 4.50 -5.32 -18.75
C THR B 42 3.34 -5.19 -17.79
N LYS B 43 3.66 -5.00 -16.52
CA LYS B 43 2.65 -4.70 -15.51
C LYS B 43 1.87 -3.45 -15.85
N THR B 44 2.58 -2.44 -16.29
CA THR B 44 1.94 -1.19 -16.74
C THR B 44 1.05 -1.31 -17.98
N GLU B 45 1.47 -2.05 -19.01
CA GLU B 45 0.53 -2.47 -20.13
C GLU B 45 -0.72 -3.16 -19.55
N CYS B 46 -0.57 -4.07 -18.59
CA CYS B 46 -1.75 -4.76 -17.98
C CYS B 46 -2.78 -3.86 -17.32
N LYS B 47 -2.35 -2.85 -16.57
CA LYS B 47 -3.24 -1.86 -15.97
C LYS B 47 -3.91 -0.94 -16.98
N GLU B 48 -3.16 -0.45 -17.98
CA GLU B 48 -3.72 0.48 -18.99
C GLU B 48 -4.81 -0.20 -19.79
N ASP B 49 -4.41 -1.33 -20.39
CA ASP B 49 -5.19 -2.10 -21.38
C ASP B 49 -6.31 -2.96 -20.81
N TYR B 50 -6.10 -3.63 -19.67
CA TYR B 50 -7.11 -4.55 -19.03
C TYR B 50 -7.74 -4.10 -17.70
N PHE B 51 -7.34 -2.92 -17.24
CA PHE B 51 -7.77 -2.37 -15.97
C PHE B 51 -7.65 -3.32 -14.80
N LEU B 52 -6.58 -4.12 -14.80
CA LEU B 52 -6.24 -4.88 -13.63
C LEU B 52 -5.51 -3.92 -12.66
N THR B 53 -5.45 -4.32 -11.39
CA THR B 53 -4.91 -3.51 -10.30
C THR B 53 -3.68 -4.16 -9.70
N ASP B 54 -2.81 -3.34 -9.12
CA ASP B 54 -1.60 -3.78 -8.40
C ASP B 54 -1.85 -4.94 -7.44
N PRO B 55 -2.96 -4.91 -6.68
CA PRO B 55 -3.26 -6.11 -5.87
C PRO B 55 -3.47 -7.43 -6.67
N GLU B 56 -4.07 -7.38 -7.86
CA GLU B 56 -4.27 -8.63 -8.68
C GLU B 56 -2.97 -9.13 -9.28
N LEU B 57 -2.24 -8.21 -9.89
CA LEU B 57 -0.97 -8.45 -10.51
C LEU B 57 0.15 -8.82 -9.57
N ASN B 58 0.02 -8.50 -8.29
CA ASN B 58 0.98 -8.96 -7.26
C ASN B 58 0.68 -10.35 -6.72
N ASP B 59 -0.56 -10.79 -6.80
CA ASP B 59 -0.90 -12.15 -6.34
C ASP B 59 0.02 -13.18 -7.03
N GLU B 60 0.95 -13.74 -6.23
CA GLU B 60 1.87 -14.80 -6.68
C GLU B 60 1.08 -16.00 -7.17
N ASP B 61 -0.07 -16.28 -6.53
CA ASP B 61 -0.90 -17.46 -6.83
C ASP B 61 -1.91 -17.30 -7.98
N LEU B 62 -1.81 -16.22 -8.73
CA LEU B 62 -2.83 -15.90 -9.71
C LEU B 62 -2.34 -15.63 -11.13
N PHE B 63 -1.11 -15.16 -11.30
CA PHE B 63 -0.50 -15.12 -12.62
C PHE B 63 0.92 -15.66 -12.51
N HIS B 64 1.41 -16.24 -13.61
CA HIS B 64 2.86 -16.47 -13.76
C HIS B 64 3.44 -15.11 -14.12
N ARG B 65 4.74 -14.92 -13.91
CA ARG B 65 5.39 -13.69 -14.30
C ARG B 65 6.86 -13.98 -14.58
N LEU B 66 7.41 -13.19 -15.48
CA LEU B 66 8.82 -13.18 -15.73
C LEU B 66 9.34 -11.79 -15.27
N GLU B 67 10.49 -11.78 -14.62
CA GLU B 67 11.06 -10.52 -14.15
C GLU B 67 12.39 -10.25 -14.82
N LYS B 68 12.54 -9.02 -15.28
CA LYS B 68 13.75 -8.60 -15.94
C LYS B 68 14.19 -7.28 -15.32
N PRO B 69 15.53 -7.00 -15.44
CA PRO B 69 15.92 -5.70 -14.90
C PRO B 69 15.19 -4.61 -15.67
N ASN B 70 14.87 -3.53 -14.98
CA ASN B 70 14.15 -2.38 -15.53
C ASN B 70 15.00 -1.82 -16.65
N PRO B 71 14.50 -1.79 -17.88
CA PRO B 71 15.39 -1.36 -18.95
C PRO B 71 15.93 0.07 -18.82
N HIS B 72 15.24 0.94 -18.08
CA HIS B 72 15.72 2.32 -17.83
C HIS B 72 16.92 2.41 -16.93
N SER B 73 16.92 1.70 -15.80
CA SER B 73 18.06 1.60 -14.91
C SER B 73 17.97 0.31 -14.12
N GLY B 74 19.08 -0.37 -13.93
CA GLY B 74 19.13 -1.49 -12.99
C GLY B 74 18.95 -1.12 -11.51
N THR B 75 19.05 0.15 -11.15
CA THR B 75 18.73 0.55 -9.79
C THR B 75 17.20 0.62 -9.57
N PHE B 76 16.41 0.71 -10.64
CA PHE B 76 14.95 0.82 -10.53
C PHE B 76 14.31 -0.56 -10.32
N ALA B 77 13.05 -0.49 -9.89
CA ALA B 77 12.23 -1.64 -9.65
C ALA B 77 12.19 -2.53 -10.89
N ARG B 78 12.10 -3.81 -10.68
CA ARG B 78 12.14 -4.80 -11.78
C ARG B 78 10.95 -4.76 -12.74
N MET B 79 11.25 -4.89 -14.02
CA MET B 79 10.21 -5.09 -15.04
C MET B 79 9.52 -6.38 -14.78
N GLN B 80 8.19 -6.36 -14.81
CA GLN B 80 7.40 -7.59 -14.70
C GLN B 80 6.58 -7.92 -15.95
N LEU B 81 6.69 -9.15 -16.43
CA LEU B 81 6.14 -9.53 -17.76
C LEU B 81 5.12 -10.65 -17.60
N PHE B 82 3.92 -10.41 -18.07
CA PHE B 82 2.82 -11.37 -17.97
C PHE B 82 2.41 -11.83 -19.35
N VAL B 83 1.82 -13.01 -19.44
CA VAL B 83 1.43 -13.55 -20.78
C VAL B 83 -0.03 -13.22 -21.09
N ARG B 84 -0.29 -12.77 -22.32
CA ARG B 84 -1.57 -12.20 -22.63
C ARG B 84 -2.74 -13.16 -22.49
N CYS B 85 -2.59 -14.45 -22.73
CA CYS B 85 -3.74 -15.36 -22.53
C CYS B 85 -4.18 -15.34 -21.07
N GLU B 86 -3.27 -15.54 -20.12
CA GLU B 86 -3.62 -15.37 -18.67
C GLU B 86 -4.35 -14.06 -18.31
N VAL B 87 -3.68 -12.94 -18.61
CA VAL B 87 -4.15 -11.60 -18.26
C VAL B 87 -5.58 -11.42 -18.82
N GLU B 88 -5.69 -11.51 -20.15
CA GLU B 88 -6.98 -11.34 -20.84
C GLU B 88 -8.07 -12.27 -20.28
N ALA B 89 -7.72 -13.54 -20.08
CA ALA B 89 -8.63 -14.48 -19.38
C ALA B 89 -9.14 -13.96 -18.03
N PHE B 90 -8.25 -13.49 -17.15
CA PHE B 90 -8.71 -12.98 -15.86
C PHE B 90 -9.60 -11.75 -16.01
N ALA B 91 -9.24 -10.88 -16.95
CA ALA B 91 -9.89 -9.60 -17.12
C ALA B 91 -11.29 -9.75 -17.70
N PHE B 92 -11.46 -10.73 -18.59
CA PHE B 92 -12.76 -11.15 -19.12
C PHE B 92 -13.72 -11.66 -18.04
N LYS B 93 -13.21 -12.44 -17.07
CA LYS B 93 -14.01 -12.83 -15.88
C LYS B 93 -14.40 -11.61 -15.06
N LYS B 94 -13.42 -10.76 -14.78
CA LYS B 94 -13.60 -9.57 -13.98
C LYS B 94 -14.56 -8.53 -14.53
N TRP B 95 -14.45 -8.26 -15.82
CA TRP B 95 -15.29 -7.26 -16.48
C TRP B 95 -16.44 -7.83 -17.29
N GLY B 96 -16.75 -9.10 -17.07
CA GLY B 96 -17.82 -9.75 -17.82
C GLY B 96 -17.65 -9.79 -19.32
N GLY B 97 -16.55 -10.37 -19.77
CA GLY B 97 -16.28 -10.54 -21.20
C GLY B 97 -15.64 -9.40 -21.94
N GLU B 98 -15.38 -9.61 -23.21
CA GLU B 98 -14.75 -8.59 -24.04
C GLU B 98 -15.63 -7.36 -24.15
N GLU B 99 -16.92 -7.58 -24.26
CA GLU B 99 -17.86 -6.48 -24.38
C GLU B 99 -17.82 -5.61 -23.14
N GLY B 100 -17.76 -6.23 -21.98
CA GLY B 100 -17.72 -5.50 -20.72
C GLY B 100 -16.45 -4.68 -20.50
N LEU B 101 -15.31 -5.22 -20.93
CA LEU B 101 -14.03 -4.52 -20.89
C LEU B 101 -14.06 -3.33 -21.81
N ASP B 102 -14.77 -3.44 -22.93
CA ASP B 102 -14.97 -2.30 -23.81
C ASP B 102 -15.85 -1.22 -23.19
N GLU B 103 -16.87 -1.63 -22.43
CA GLU B 103 -17.70 -0.65 -21.72
C GLU B 103 -16.87 0.16 -20.73
N GLU B 104 -16.04 -0.54 -19.96
CA GLU B 104 -15.18 0.09 -18.95
C GLU B 104 -14.25 1.11 -19.61
N TRP B 105 -13.69 0.74 -20.76
CA TRP B 105 -12.91 1.66 -21.59
C TRP B 105 -13.73 2.90 -21.82
N GLN B 106 -14.93 2.71 -22.37
CA GLN B 106 -15.89 3.79 -22.71
C GLN B 106 -16.12 4.71 -21.51
N ARG B 107 -16.29 4.11 -20.32
CA ARG B 107 -16.55 4.87 -19.07
C ARG B 107 -15.40 5.78 -18.62
N ARG B 108 -14.16 5.32 -18.75
CA ARG B 108 -12.98 6.11 -18.30
C ARG B 108 -12.56 7.24 -19.28
N GLU B 109 -12.92 7.11 -20.55
CA GLU B 109 -12.80 8.21 -21.53
C GLU B 109 -13.76 9.35 -21.13
N GLU B 110 -14.93 8.96 -20.65
CA GLU B 110 -15.95 9.90 -20.20
C GLU B 110 -15.64 10.56 -18.86
N GLY B 111 -14.78 9.94 -18.05
CA GLY B 111 -14.20 10.60 -16.88
C GLY B 111 -13.36 11.83 -17.22
N LYS B 112 -12.68 11.80 -18.38
CA LYS B 112 -11.87 12.92 -18.94
C LYS B 112 -12.68 14.02 -19.62
N ALA B 113 -13.72 13.63 -20.36
CA ALA B 113 -14.70 14.61 -20.85
C ALA B 113 -15.45 15.35 -19.70
N HIS B 114 -15.56 14.71 -18.52
CA HIS B 114 -16.06 15.38 -17.30
C HIS B 114 -15.04 16.35 -16.69
N ARG B 115 -13.75 15.97 -16.74
CA ARG B 115 -12.65 16.81 -16.26
C ARG B 115 -11.95 17.61 -17.40
N ARG B 116 -12.73 17.95 -18.46
CA ARG B 116 -12.34 18.83 -19.59
C ARG B 116 -10.85 19.10 -19.76
C6 MFO C 8 -6.02 2.60 -6.42
C5 MFO C 8 -6.79 3.85 -6.38
C4 MFO C 8 -7.88 4.01 -7.38
C8 MFO C 8 -7.76 5.71 -6.10
N4 MFO C 8 -8.04 6.93 -5.58
C2 MFO C 8 -7.33 1.90 -8.24
C21 MFO C 8 -5.16 6.05 -1.79
C10 MFO C 8 -8.58 8.65 -7.18
C9 MFO C 8 -9.01 7.66 -6.13
C12 MFO C 8 -7.26 7.41 -4.51
C20 MFO C 8 -4.37 6.49 -0.73
N3 MFO C 8 -8.09 3.02 -8.26
C15 MFO C 8 -5.68 8.32 -2.41
C14 MFO C 8 -6.33 9.23 -3.23
C13 MFO C 8 -7.12 8.78 -4.28
N1 MFO C 8 -6.33 1.70 -7.36
C19 MFO C 8 -4.23 7.86 -0.52
C18 MFO C 8 -4.89 8.77 -1.35
N2 MFO C 8 -7.60 0.94 -9.15
C17 MFO C 8 -6.61 6.49 -3.68
C16 MFO C 8 -5.81 6.95 -2.62
P MFO C 8 -13.52 1.75 -8.54
OP1 MFO C 8 -15.02 1.81 -8.56
O5' MFO C 8 -12.86 3.25 -8.58
C5' MFO C 8 -11.89 3.62 -9.58
C4' MFO C 8 -11.21 4.98 -9.29
C3' MFO C 8 -9.95 5.19 -10.11
O3' MFO C 8 -10.21 5.75 -11.40
C2' MFO C 8 -9.10 6.11 -9.27
C1' MFO C 8 -9.57 5.88 -7.85
O4' MFO C 8 -10.76 5.08 -7.93
N9 MFO C 8 -8.45 5.21 -7.14
N7 MFO C 8 -6.76 4.95 -5.60
O6 MFO C 8 -5.09 2.41 -5.61
OP2 MFO C 8 -12.94 0.86 -9.62
O11 MFO C 8 -10.19 7.53 -5.80
C6 MFO E 8 -4.73 7.73 0.03
C5 MFO E 8 -5.39 8.65 -0.95
C4 MFO E 8 -5.48 10.09 -0.58
C8 MFO E 8 -6.37 9.77 -2.47
N4 MFO E 8 -7.01 10.04 -3.65
C2 MFO E 8 -4.36 9.56 1.44
C21 MFO E 8 -7.66 6.00 -6.23
C10 MFO E 8 -5.40 11.71 -4.31
C9 MFO E 8 -6.81 11.19 -4.27
C12 MFO E 8 -7.87 9.06 -4.19
C20 MFO E 8 -8.49 5.02 -6.77
N3 MFO E 8 -4.96 10.46 0.61
C15 MFO E 8 -9.57 7.12 -5.27
C14 MFO E 8 -10.09 8.18 -4.51
C13 MFO E 8 -9.24 9.15 -3.98
N1 MFO E 8 -4.25 8.25 1.16
C19 MFO E 8 -9.87 5.11 -6.55
C18 MFO E 8 -10.41 6.15 -5.80
N2 MFO E 8 -3.87 10.03 2.61
C17 MFO E 8 -7.35 8.01 -4.95
C16 MFO E 8 -8.19 7.05 -5.48
P MFO E 8 -2.81 14.96 0.84
OP1 MFO E 8 -3.31 15.99 -0.15
O5' MFO E 8 -3.70 13.61 0.85
C5' MFO E 8 -5.06 13.58 1.29
C4' MFO E 8 -6.02 13.65 0.10
C3' MFO E 8 -7.37 13.01 0.35
O3' MFO E 8 -8.32 13.97 0.81
C2' MFO E 8 -7.76 12.40 -0.99
C1' MFO E 8 -6.44 12.16 -1.70
O4' MFO E 8 -5.48 12.99 -1.04
N9 MFO E 8 -6.10 10.72 -1.58
N7 MFO E 8 -5.97 8.51 -2.16
O6 MFO E 8 -4.59 6.50 -0.21
OP2 MFO E 8 -2.65 15.50 2.23
O11 MFO E 8 -7.73 11.81 -4.78
ZN ZN G . 5.50 13.58 38.46
ZN ZN H . 4.38 -24.24 -32.76
#